data_5GVY
#
_entry.id   5GVY
#
_cell.length_a   48.291
_cell.length_b   58.811
_cell.length_c   51.558
_cell.angle_alpha   90.00
_cell.angle_beta   114.39
_cell.angle_gamma   90.00
#
_symmetry.space_group_name_H-M   'P 1 21 1'
#
loop_
_entity.id
_entity.type
_entity.pdbx_description
1 polymer 'Salt stress-induced protein'
2 non-polymer alpha-D-mannopyranose
3 water water
#
_entity_poly.entity_id   1
_entity_poly.type   'polypeptide(L)'
_entity_poly.pdbx_seq_one_letter_code
;MTLVKIGLWGGNGGSAQDISVPPKKLLGVTIYSSDAIRSIAFNYIGVDGQEYAIGPWGGGEGTSTEIKLGSSEHIKEISG
THGPVYDLADIVTYLKIVTSANNTYEAGVPNGKEFSIPLQDSGHVVGFFGRSGTLIDAIGIYVHP
;
_entity_poly.pdbx_strand_id   A,B
#
# COMPACT_ATOMS: atom_id res chain seq x y z
N MET A 1 4.16 7.26 -17.23
CA MET A 1 3.01 7.37 -18.12
C MET A 1 1.70 7.15 -17.38
N THR A 2 1.62 6.07 -16.60
CA THR A 2 0.44 5.79 -15.79
C THR A 2 0.86 5.65 -14.34
N LEU A 3 0.36 6.55 -13.50
CA LEU A 3 0.62 6.47 -12.08
C LEU A 3 -0.28 5.43 -11.42
N VAL A 4 0.24 4.80 -10.38
CA VAL A 4 -0.55 3.91 -9.53
C VAL A 4 -1.23 4.75 -8.45
N LYS A 5 -2.51 4.50 -8.22
CA LYS A 5 -3.30 5.28 -7.27
C LYS A 5 -3.76 4.33 -6.16
N ILE A 6 -3.36 4.60 -4.93
CA ILE A 6 -3.59 3.67 -3.83
C ILE A 6 -4.29 4.40 -2.69
N GLY A 7 -5.33 3.78 -2.16
CA GLY A 7 -6.04 4.36 -1.04
C GLY A 7 -7.48 4.57 -1.40
N LEU A 8 -8.19 5.32 -0.58
CA LEU A 8 -7.66 6.10 0.52
C LEU A 8 -7.80 5.35 1.84
N TRP A 9 -7.06 5.79 2.86
CA TRP A 9 -7.13 5.23 4.20
C TRP A 9 -7.73 6.28 5.12
N GLY A 10 -8.81 5.94 5.80
CA GLY A 10 -9.45 6.84 6.73
C GLY A 10 -10.96 6.76 6.57
N GLY A 11 -11.64 7.75 7.13
CA GLY A 11 -13.09 7.74 7.21
C GLY A 11 -13.76 8.37 6.01
N ASN A 12 -15.09 8.50 6.11
CA ASN A 12 -15.90 9.00 5.01
C ASN A 12 -16.38 10.42 5.22
N GLY A 13 -15.93 11.10 6.27
CA GLY A 13 -16.29 12.49 6.48
C GLY A 13 -15.62 13.42 5.49
N GLY A 14 -15.94 14.70 5.63
CA GLY A 14 -15.35 15.71 4.76
C GLY A 14 -15.76 15.55 3.30
N SER A 15 -14.96 16.14 2.42
CA SER A 15 -15.21 16.17 0.99
C SER A 15 -14.04 15.58 0.23
N ALA A 16 -14.32 14.94 -0.91
CA ALA A 16 -13.25 14.36 -1.71
C ALA A 16 -12.30 15.45 -2.22
N GLN A 17 -11.00 15.19 -2.11
CA GLN A 17 -9.96 16.05 -2.67
C GLN A 17 -9.09 15.27 -3.63
N ASP A 18 -8.66 15.92 -4.69
CA ASP A 18 -7.83 15.26 -5.70
C ASP A 18 -7.13 16.34 -6.51
N ILE A 19 -6.24 15.89 -7.39
CA ILE A 19 -5.54 16.76 -8.32
C ILE A 19 -5.92 16.37 -9.74
N SER A 20 -5.94 17.36 -10.63
CA SER A 20 -6.38 17.08 -11.99
C SER A 20 -5.22 16.83 -12.95
N VAL A 21 -4.05 17.39 -12.71
CA VAL A 21 -2.88 17.15 -13.55
C VAL A 21 -2.00 16.10 -12.86
N PRO A 22 -1.74 14.96 -13.46
CA PRO A 22 -0.92 13.93 -12.81
C PRO A 22 0.45 14.48 -12.46
N PRO A 23 0.96 14.16 -11.28
CA PRO A 23 2.31 14.60 -10.92
C PRO A 23 3.37 13.81 -11.66
N LYS A 24 4.46 14.49 -12.01
CA LYS A 24 5.67 13.83 -12.48
C LYS A 24 6.75 13.84 -11.42
N LYS A 25 6.93 14.94 -10.70
CA LYS A 25 8.01 15.12 -9.76
C LYS A 25 7.47 15.87 -8.55
N LEU A 26 7.55 15.25 -7.37
CA LEU A 26 7.08 15.86 -6.14
C LEU A 26 8.22 16.67 -5.53
N LEU A 27 7.94 17.93 -5.22
CA LEU A 27 8.96 18.83 -4.68
C LEU A 27 8.82 19.09 -3.20
N GLY A 28 7.61 19.01 -2.65
CA GLY A 28 7.43 19.30 -1.25
C GLY A 28 6.09 18.86 -0.70
N VAL A 29 6.06 18.60 0.59
CA VAL A 29 4.82 18.25 1.30
C VAL A 29 4.84 19.01 2.61
N THR A 30 3.75 19.68 2.94
CA THR A 30 3.62 20.38 4.22
C THR A 30 2.42 19.83 4.96
N ILE A 31 2.64 19.34 6.17
CA ILE A 31 1.61 18.76 7.01
C ILE A 31 1.50 19.57 8.28
N TYR A 32 0.26 19.81 8.74
CA TYR A 32 -0.01 20.37 10.05
C TYR A 32 -0.75 19.35 10.90
N SER A 33 -0.39 19.24 12.17
CA SER A 33 -0.98 18.20 12.98
C SER A 33 -1.03 18.58 14.45
N SER A 34 -1.97 17.95 15.15
CA SER A 34 -2.00 17.92 16.61
C SER A 34 -2.13 16.47 17.04
N ASP A 35 -3.24 16.11 17.67
CA ASP A 35 -3.53 14.69 17.88
C ASP A 35 -4.04 14.02 16.61
N ALA A 36 -4.27 14.78 15.55
CA ALA A 36 -4.66 14.24 14.27
C ALA A 36 -3.98 15.03 13.17
N ILE A 37 -4.12 14.56 11.94
CA ILE A 37 -3.59 15.30 10.80
C ILE A 37 -4.59 16.39 10.44
N ARG A 38 -4.17 17.64 10.57
CA ARG A 38 -5.05 18.79 10.42
C ARG A 38 -5.04 19.41 9.02
N SER A 39 -3.92 19.33 8.30
CA SER A 39 -3.93 19.73 6.91
C SER A 39 -2.77 19.07 6.18
N ILE A 40 -2.91 18.97 4.86
CA ILE A 40 -1.80 18.57 4.00
C ILE A 40 -1.81 19.48 2.77
N ALA A 41 -0.62 19.83 2.31
CA ALA A 41 -0.42 20.61 1.10
C ALA A 41 0.80 20.03 0.41
N PHE A 42 0.86 20.19 -0.91
CA PHE A 42 2.05 19.69 -1.57
C PHE A 42 2.27 20.41 -2.89
N ASN A 43 3.50 20.32 -3.37
CA ASN A 43 3.97 21.13 -4.48
C ASN A 43 4.68 20.19 -5.44
N TYR A 44 4.31 20.23 -6.71
CA TYR A 44 4.86 19.27 -7.65
C TYR A 44 4.95 19.87 -9.04
N ILE A 45 5.77 19.24 -9.89
CA ILE A 45 5.82 19.52 -11.31
C ILE A 45 4.93 18.51 -12.01
N GLY A 46 3.94 19.01 -12.77
CA GLY A 46 3.02 18.10 -13.43
C GLY A 46 3.66 17.43 -14.63
N VAL A 47 2.95 16.42 -15.16
CA VAL A 47 3.37 15.79 -16.40
C VAL A 47 3.38 16.80 -17.55
N ASP A 48 2.72 17.94 -17.36
CA ASP A 48 2.70 19.02 -18.35
C ASP A 48 3.91 19.95 -18.22
N GLY A 49 4.79 19.72 -17.25
CA GLY A 49 5.94 20.58 -17.04
C GLY A 49 5.67 21.81 -16.21
N GLN A 50 4.45 22.01 -15.76
N GLN A 50 4.45 22.01 -15.76
CA GLN A 50 4.08 23.17 -14.97
CA GLN A 50 4.08 23.17 -14.95
C GLN A 50 4.11 22.84 -13.48
C GLN A 50 4.14 22.83 -13.47
N GLU A 51 4.32 23.86 -12.67
CA GLU A 51 4.38 23.69 -11.23
C GLU A 51 3.01 23.92 -10.60
N TYR A 52 2.66 23.05 -9.66
CA TYR A 52 1.39 23.12 -8.94
C TYR A 52 1.63 23.22 -7.44
N ALA A 53 0.87 24.09 -6.77
CA ALA A 53 0.83 24.19 -5.32
C ALA A 53 -0.58 23.81 -4.88
N ILE A 54 -0.71 22.61 -4.32
CA ILE A 54 -2.00 22.02 -3.99
C ILE A 54 -2.29 22.19 -2.50
N GLY A 55 -3.51 22.58 -2.18
CA GLY A 55 -3.95 22.69 -0.81
C GLY A 55 -3.71 24.06 -0.21
N PRO A 56 -3.75 24.18 1.13
CA PRO A 56 -3.97 23.08 2.06
C PRO A 56 -5.37 22.49 2.01
N TRP A 57 -5.42 21.16 2.10
CA TRP A 57 -6.65 20.46 2.41
C TRP A 57 -6.75 20.33 3.93
N GLY A 58 -7.94 20.55 4.47
CA GLY A 58 -8.11 20.59 5.91
C GLY A 58 -7.96 21.98 6.47
N GLY A 59 -8.28 22.11 7.75
CA GLY A 59 -8.36 23.41 8.38
C GLY A 59 -7.04 23.87 8.96
N GLY A 60 -6.10 22.95 9.09
CA GLY A 60 -4.78 23.32 9.55
C GLY A 60 -4.74 23.69 11.02
N GLU A 61 -3.76 24.55 11.34
CA GLU A 61 -3.35 24.88 12.70
C GLU A 61 -2.68 23.65 13.31
N GLY A 62 -2.15 23.77 14.53
CA GLY A 62 -1.20 22.76 15.01
C GLY A 62 0.22 23.08 14.59
N THR A 63 1.07 22.05 14.60
CA THR A 63 2.49 22.22 14.29
C THR A 63 2.81 21.69 12.90
N SER A 64 3.78 22.32 12.25
CA SER A 64 4.07 21.98 10.86
C SER A 64 5.15 20.92 10.73
N THR A 65 5.07 20.16 9.65
CA THR A 65 6.11 19.23 9.23
C THR A 65 6.36 19.50 7.75
N GLU A 66 7.55 19.95 7.42
CA GLU A 66 7.85 20.44 6.07
C GLU A 66 8.87 19.53 5.41
N ILE A 67 8.43 18.83 4.37
CA ILE A 67 9.21 17.81 3.67
C ILE A 67 9.57 18.35 2.30
N LYS A 68 10.86 18.50 2.03
CA LYS A 68 11.36 19.05 0.77
C LYS A 68 12.10 17.96 0.02
N LEU A 69 11.84 17.85 -1.28
CA LEU A 69 12.31 16.73 -2.10
C LEU A 69 12.81 17.25 -3.44
N GLY A 70 13.21 16.33 -4.31
CA GLY A 70 13.65 16.75 -5.62
C GLY A 70 14.04 15.61 -6.53
N SER A 71 14.91 15.92 -7.49
CA SER A 71 15.29 14.95 -8.52
C SER A 71 15.93 13.71 -7.93
N SER A 72 16.70 13.84 -6.84
CA SER A 72 17.32 12.65 -6.28
C SER A 72 16.65 12.16 -5.01
N GLU A 73 16.03 13.03 -4.21
CA GLU A 73 15.41 12.60 -2.97
C GLU A 73 13.92 12.40 -3.20
N HIS A 74 13.47 11.14 -3.05
CA HIS A 74 12.12 10.65 -3.33
C HIS A 74 11.49 10.12 -2.05
N ILE A 75 10.17 10.22 -1.93
CA ILE A 75 9.48 9.49 -0.87
C ILE A 75 9.43 8.01 -1.24
N LYS A 76 10.00 7.16 -0.38
CA LYS A 76 10.05 5.73 -0.62
C LYS A 76 9.12 4.93 0.28
N GLU A 77 8.68 5.50 1.39
CA GLU A 77 7.82 4.80 2.32
C GLU A 77 6.89 5.81 2.97
N ILE A 78 5.59 5.50 2.99
CA ILE A 78 4.63 6.30 3.75
C ILE A 78 3.76 5.33 4.53
N SER A 79 3.49 5.66 5.79
CA SER A 79 2.63 4.84 6.63
C SER A 79 1.86 5.76 7.57
N GLY A 80 0.92 5.18 8.30
CA GLY A 80 0.21 5.98 9.29
C GLY A 80 -0.86 5.18 9.98
N THR A 81 -1.71 5.90 10.70
CA THR A 81 -2.88 5.32 11.35
C THR A 81 -4.09 6.20 11.09
N HIS A 82 -5.27 5.60 11.21
CA HIS A 82 -6.52 6.35 11.18
C HIS A 82 -7.47 5.77 12.20
N GLY A 83 -8.19 6.65 12.90
CA GLY A 83 -9.08 6.21 13.95
C GLY A 83 -9.76 7.37 14.65
N PRO A 84 -10.32 7.10 15.82
CA PRO A 84 -11.15 8.11 16.50
C PRO A 84 -10.31 9.14 17.23
N VAL A 85 -10.72 10.40 17.09
CA VAL A 85 -10.06 11.53 17.73
C VAL A 85 -11.04 12.70 17.70
N TYR A 86 -10.96 13.55 18.72
CA TYR A 86 -11.76 14.80 18.76
C TYR A 86 -13.25 14.54 18.52
N ASP A 87 -13.76 13.44 19.07
CA ASP A 87 -15.16 13.04 18.97
C ASP A 87 -15.60 12.76 17.53
N LEU A 88 -14.66 12.45 16.66
CA LEU A 88 -14.93 11.97 15.30
C LEU A 88 -14.48 10.52 15.18
N ALA A 89 -15.16 9.75 14.34
CA ALA A 89 -15.00 8.30 14.41
C ALA A 89 -13.75 7.79 13.69
N ASP A 90 -13.34 8.41 12.58
CA ASP A 90 -12.30 7.81 11.73
C ASP A 90 -11.60 8.92 10.95
N ILE A 91 -10.45 9.36 11.48
CA ILE A 91 -9.67 10.47 10.93
C ILE A 91 -8.24 9.99 10.76
N VAL A 92 -7.51 10.54 9.79
CA VAL A 92 -6.09 10.23 9.73
C VAL A 92 -5.42 10.86 10.94
N THR A 93 -4.82 10.01 11.79
CA THR A 93 -4.30 10.46 13.07
C THR A 93 -2.79 10.60 13.10
N TYR A 94 -2.07 9.96 12.17
CA TYR A 94 -0.62 9.94 12.22
C TYR A 94 -0.10 9.57 10.83
N LEU A 95 1.02 10.18 10.45
CA LEU A 95 1.69 9.90 9.19
C LEU A 95 3.19 9.83 9.45
N LYS A 96 3.83 8.88 8.79
CA LYS A 96 5.29 8.76 8.80
C LYS A 96 5.75 8.61 7.36
N ILE A 97 6.67 9.49 6.95
CA ILE A 97 7.22 9.51 5.60
C ILE A 97 8.73 9.33 5.67
N VAL A 98 9.27 8.43 4.85
CA VAL A 98 10.70 8.14 4.77
C VAL A 98 11.16 8.35 3.32
N THR A 99 12.22 9.12 3.13
CA THR A 99 12.76 9.40 1.81
C THR A 99 13.95 8.50 1.49
N SER A 100 14.36 8.55 0.21
CA SER A 100 15.51 7.81 -0.26
C SER A 100 16.80 8.24 0.42
N ALA A 101 16.81 9.41 1.06
CA ALA A 101 17.98 9.88 1.81
C ALA A 101 17.93 9.47 3.27
N ASN A 102 16.99 8.60 3.66
CA ASN A 102 16.81 8.20 5.05
C ASN A 102 16.48 9.41 5.93
N ASN A 103 15.77 10.38 5.37
CA ASN A 103 15.15 11.42 6.19
C ASN A 103 13.75 10.96 6.54
N THR A 104 13.45 10.94 7.84
CA THR A 104 12.16 10.49 8.35
C THR A 104 11.38 11.66 8.91
N TYR A 105 10.10 11.74 8.56
CA TYR A 105 9.23 12.81 9.05
C TYR A 105 7.99 12.18 9.66
N GLU A 106 7.55 12.71 10.80
CA GLU A 106 6.37 12.18 11.47
C GLU A 106 5.45 13.32 11.85
N ALA A 107 4.15 13.05 11.79
CA ALA A 107 3.14 14.03 12.19
C ALA A 107 1.99 13.30 12.86
N GLY A 108 1.44 13.91 13.91
CA GLY A 108 0.31 13.34 14.62
C GLY A 108 0.73 12.37 15.72
N VAL A 109 -0.23 11.54 16.11
CA VAL A 109 -0.08 10.62 17.24
C VAL A 109 -0.65 9.28 16.83
N PRO A 110 0.17 8.22 16.75
CA PRO A 110 -0.34 6.90 16.34
C PRO A 110 -1.56 6.49 17.15
N ASN A 111 -2.64 6.14 16.44
CA ASN A 111 -3.94 5.90 17.06
C ASN A 111 -4.87 5.30 16.03
N GLY A 112 -5.15 4.00 16.15
CA GLY A 112 -6.14 3.34 15.32
C GLY A 112 -5.52 2.26 14.44
N LYS A 113 -6.02 2.15 13.22
CA LYS A 113 -5.66 1.10 12.29
C LYS A 113 -4.44 1.51 11.45
N GLU A 114 -3.54 0.55 11.22
CA GLU A 114 -2.31 0.80 10.49
C GLU A 114 -2.54 0.78 8.98
N PHE A 115 -1.74 1.57 8.27
CA PHE A 115 -1.53 1.36 6.84
C PHE A 115 -0.07 1.70 6.55
N SER A 116 0.47 1.09 5.50
CA SER A 116 1.88 1.30 5.17
C SER A 116 2.15 0.88 3.73
N ILE A 117 2.94 1.68 3.04
CA ILE A 117 3.29 1.48 1.64
C ILE A 117 4.80 1.61 1.52
N PRO A 118 5.56 0.54 1.71
CA PRO A 118 7.01 0.60 1.48
C PRO A 118 7.36 0.22 0.06
N LEU A 119 7.96 1.14 -0.68
CA LEU A 119 8.17 0.98 -2.12
C LEU A 119 9.57 0.49 -2.42
N GLN A 120 9.68 -0.48 -3.30
CA GLN A 120 10.96 -1.01 -3.74
C GLN A 120 11.22 -0.60 -5.19
N ASP A 121 12.31 -1.11 -5.76
CA ASP A 121 12.71 -0.81 -7.13
C ASP A 121 12.70 0.72 -7.29
N SER A 122 12.14 1.27 -8.36
CA SER A 122 12.21 2.71 -8.61
C SER A 122 10.95 3.44 -8.17
N GLY A 123 10.01 2.75 -7.53
CA GLY A 123 8.75 3.38 -7.15
C GLY A 123 8.93 4.46 -6.09
N HIS A 124 8.12 5.52 -6.22
CA HIS A 124 8.15 6.62 -5.27
C HIS A 124 6.81 7.35 -5.28
N VAL A 125 6.48 7.96 -4.15
CA VAL A 125 5.25 8.73 -4.03
C VAL A 125 5.45 10.09 -4.68
N VAL A 126 4.51 10.49 -5.53
CA VAL A 126 4.59 11.78 -6.21
C VAL A 126 3.39 12.68 -5.95
N GLY A 127 2.36 12.22 -5.26
CA GLY A 127 1.21 13.08 -5.01
C GLY A 127 0.22 12.41 -4.09
N PHE A 128 -0.88 13.13 -3.83
CA PHE A 128 -1.87 12.71 -2.85
C PHE A 128 -3.27 13.00 -3.34
N PHE A 129 -4.22 12.30 -2.72
CA PHE A 129 -5.66 12.61 -2.79
C PHE A 129 -6.22 12.28 -1.41
N GLY A 130 -7.51 12.51 -1.21
CA GLY A 130 -8.09 12.12 0.07
C GLY A 130 -9.43 12.75 0.32
N ARG A 131 -9.71 12.99 1.61
CA ARG A 131 -10.94 13.62 2.06
C ARG A 131 -10.58 14.59 3.18
N SER A 132 -11.20 15.77 3.17
CA SER A 132 -10.87 16.73 4.21
C SER A 132 -12.08 17.56 4.59
N GLY A 133 -12.10 17.97 5.85
CA GLY A 133 -13.02 18.96 6.38
C GLY A 133 -12.24 19.93 7.23
N THR A 134 -12.47 19.91 8.55
CA THR A 134 -11.57 20.58 9.46
C THR A 134 -10.25 19.83 9.59
N LEU A 135 -10.26 18.51 9.36
CA LEU A 135 -9.09 17.66 9.49
C LEU A 135 -8.92 16.87 8.20
N ILE A 136 -7.89 16.03 8.14
CA ILE A 136 -7.72 15.11 7.01
C ILE A 136 -8.47 13.82 7.37
N ASP A 137 -9.70 13.70 6.87
CA ASP A 137 -10.50 12.50 7.12
C ASP A 137 -9.87 11.25 6.52
N ALA A 138 -9.21 11.38 5.38
CA ALA A 138 -8.67 10.21 4.73
C ALA A 138 -7.60 10.65 3.76
N ILE A 139 -6.66 9.76 3.46
CA ILE A 139 -5.53 10.13 2.62
C ILE A 139 -5.21 8.98 1.68
N GLY A 140 -4.79 9.33 0.46
CA GLY A 140 -4.32 8.35 -0.50
C GLY A 140 -3.14 8.91 -1.26
N ILE A 141 -2.50 8.05 -2.07
CA ILE A 141 -1.24 8.41 -2.71
C ILE A 141 -1.26 8.06 -4.20
N TYR A 142 -0.46 8.83 -4.96
CA TYR A 142 -0.09 8.53 -6.33
C TYR A 142 1.36 8.04 -6.33
N VAL A 143 1.62 6.96 -7.04
CA VAL A 143 2.92 6.32 -7.03
C VAL A 143 3.44 6.28 -8.45
N HIS A 144 4.63 6.83 -8.65
CA HIS A 144 5.37 6.77 -9.90
C HIS A 144 6.18 5.50 -9.93
N PRO A 145 6.01 4.64 -10.94
CA PRO A 145 6.81 3.40 -10.95
C PRO A 145 8.32 3.65 -11.08
N MET B 1 11.71 0.29 -15.30
CA MET B 1 10.92 -0.59 -14.45
C MET B 1 9.45 -0.27 -14.56
N THR B 2 8.66 -1.27 -14.97
CA THR B 2 7.26 -1.05 -15.31
C THR B 2 6.29 -1.37 -14.19
N LEU B 3 6.64 -2.33 -13.32
CA LEU B 3 5.78 -2.71 -12.21
C LEU B 3 6.17 -1.96 -10.96
N VAL B 4 5.17 -1.72 -10.12
CA VAL B 4 5.40 -1.17 -8.78
C VAL B 4 5.51 -2.33 -7.80
N LYS B 5 6.52 -2.28 -6.96
CA LYS B 5 6.81 -3.36 -6.02
C LYS B 5 6.62 -2.82 -4.62
N ILE B 6 5.68 -3.40 -3.87
CA ILE B 6 5.28 -2.86 -2.58
C ILE B 6 5.38 -3.95 -1.52
N GLY B 7 5.95 -3.60 -0.38
CA GLY B 7 6.05 -4.52 0.72
C GLY B 7 7.50 -4.76 1.07
N LEU B 8 7.79 -5.81 1.82
CA LEU B 8 6.82 -6.79 2.31
C LEU B 8 6.23 -6.38 3.67
N TRP B 9 5.15 -7.07 4.07
CA TRP B 9 4.53 -6.91 5.37
C TRP B 9 4.69 -8.22 6.12
N GLY B 10 5.27 -8.17 7.30
CA GLY B 10 5.44 -9.34 8.14
C GLY B 10 6.81 -9.34 8.77
N GLY B 11 7.23 -10.50 9.27
CA GLY B 11 8.47 -10.60 10.03
C GLY B 11 9.69 -10.91 9.19
N ASN B 12 10.79 -11.18 9.89
CA ASN B 12 12.08 -11.39 9.23
C ASN B 12 12.53 -12.83 9.27
N GLY B 13 11.67 -13.75 9.73
CA GLY B 13 11.96 -15.17 9.68
C GLY B 13 11.91 -15.73 8.27
N GLY B 14 12.20 -17.03 8.18
CA GLY B 14 12.17 -17.69 6.89
C GLY B 14 13.26 -17.19 5.95
N SER B 15 13.02 -17.41 4.66
CA SER B 15 13.97 -17.07 3.60
C SER B 15 13.28 -16.20 2.56
N ALA B 16 14.02 -15.27 1.97
CA ALA B 16 13.44 -14.42 0.92
C ALA B 16 12.97 -15.24 -0.28
N GLN B 17 11.78 -14.90 -0.80
CA GLN B 17 11.23 -15.49 -2.01
C GLN B 17 10.88 -14.39 -3.00
N ASP B 18 11.08 -14.67 -4.29
CA ASP B 18 10.79 -13.68 -5.32
C ASP B 18 10.66 -14.39 -6.66
N ILE B 19 10.30 -13.62 -7.68
CA ILE B 19 10.17 -14.10 -9.05
C ILE B 19 11.13 -13.33 -9.94
N SER B 20 11.59 -13.96 -11.01
CA SER B 20 12.60 -13.32 -11.84
C SER B 20 12.04 -12.72 -13.12
N VAL B 21 11.01 -13.30 -13.72
CA VAL B 21 10.38 -12.75 -14.92
C VAL B 21 9.21 -11.88 -14.49
N PRO B 22 9.21 -10.60 -14.82
CA PRO B 22 8.09 -9.73 -14.43
C PRO B 22 6.77 -10.25 -14.96
N PRO B 23 5.73 -10.27 -14.13
CA PRO B 23 4.43 -10.72 -14.60
C PRO B 23 3.78 -9.70 -15.51
N LYS B 24 3.06 -10.21 -16.50
CA LYS B 24 2.17 -9.38 -17.30
C LYS B 24 0.71 -9.58 -16.90
N LYS B 25 0.31 -10.82 -16.65
CA LYS B 25 -1.08 -11.17 -16.41
C LYS B 25 -1.12 -12.27 -15.35
N LEU B 26 -1.83 -12.01 -14.24
CA LEU B 26 -1.96 -12.99 -13.18
C LEU B 26 -3.18 -13.87 -13.44
N LEU B 27 -2.99 -15.19 -13.41
CA LEU B 27 -4.06 -16.14 -13.71
C LEU B 27 -4.65 -16.80 -12.49
N GLY B 28 -3.88 -17.00 -11.42
CA GLY B 28 -4.42 -17.68 -10.26
C GLY B 28 -3.52 -17.53 -9.06
N VAL B 29 -4.14 -17.69 -7.89
CA VAL B 29 -3.45 -17.66 -6.61
C VAL B 29 -4.04 -18.78 -5.75
N THR B 30 -3.18 -19.57 -5.11
CA THR B 30 -3.64 -20.59 -4.17
C THR B 30 -3.00 -20.32 -2.83
N ILE B 31 -3.83 -20.17 -1.80
CA ILE B 31 -3.39 -19.92 -0.43
C ILE B 31 -3.84 -21.10 0.44
N TYR B 32 -2.97 -21.52 1.36
CA TYR B 32 -3.34 -22.46 2.42
C TYR B 32 -3.19 -21.75 3.75
N SER B 33 -4.12 -22.00 4.67
CA SER B 33 -4.12 -21.25 5.92
C SER B 33 -4.74 -22.06 7.05
N SER B 34 -4.36 -21.69 8.27
CA SER B 34 -5.01 -22.08 9.51
C SER B 34 -5.23 -20.83 10.34
N ASP B 35 -4.58 -20.75 11.51
CA ASP B 35 -4.52 -19.46 12.21
C ASP B 35 -3.54 -18.50 11.56
N ALA B 36 -2.79 -18.95 10.58
CA ALA B 36 -1.85 -18.10 9.87
C ALA B 36 -1.84 -18.53 8.41
N ILE B 37 -1.18 -17.73 7.58
CA ILE B 37 -0.99 -18.09 6.18
C ILE B 37 0.15 -19.10 6.09
N ARG B 38 -0.17 -20.31 5.63
CA ARG B 38 0.75 -21.44 5.62
C ARG B 38 1.44 -21.64 4.28
N SER B 39 0.82 -21.23 3.18
CA SER B 39 1.54 -21.23 1.91
C SER B 39 0.84 -20.31 0.92
N ILE B 40 1.60 -19.84 -0.07
CA ILE B 40 1.02 -19.14 -1.21
C ILE B 40 1.71 -19.67 -2.48
N ALA B 41 0.93 -19.80 -3.54
CA ALA B 41 1.41 -20.17 -4.86
C ALA B 41 0.60 -19.37 -5.87
N PHE B 42 1.18 -19.14 -7.04
CA PHE B 42 0.44 -18.38 -8.04
C PHE B 42 1.00 -18.68 -9.42
N ASN B 43 0.18 -18.45 -10.43
CA ASN B 43 0.62 -18.67 -11.80
C ASN B 43 0.26 -17.47 -12.64
N TYR B 44 1.17 -17.12 -13.54
CA TYR B 44 1.03 -15.90 -14.31
C TYR B 44 1.67 -16.09 -15.68
N ILE B 45 1.25 -15.24 -16.60
CA ILE B 45 1.94 -15.10 -17.88
C ILE B 45 2.97 -14.01 -17.73
N GLY B 46 4.21 -14.32 -18.01
CA GLY B 46 5.26 -13.33 -17.90
C GLY B 46 5.20 -12.33 -19.04
N VAL B 47 6.00 -11.29 -18.88
CA VAL B 47 6.18 -10.30 -19.93
C VAL B 47 6.80 -10.95 -21.17
N ASP B 48 7.46 -12.10 -21.01
CA ASP B 48 8.00 -12.88 -22.12
C ASP B 48 6.95 -13.75 -22.80
N GLY B 49 5.69 -13.71 -22.35
CA GLY B 49 4.66 -14.53 -22.93
C GLY B 49 4.58 -15.95 -22.42
N GLN B 50 5.48 -16.36 -21.54
CA GLN B 50 5.50 -17.72 -21.00
C GLN B 50 4.69 -17.80 -19.71
N GLU B 51 4.14 -18.99 -19.45
CA GLU B 51 3.43 -19.22 -18.20
C GLU B 51 4.40 -19.68 -17.12
N TYR B 52 4.25 -19.11 -15.93
CA TYR B 52 5.04 -19.50 -14.77
C TYR B 52 4.14 -19.97 -13.65
N ALA B 53 4.54 -21.06 -12.99
CA ALA B 53 3.84 -21.60 -11.83
C ALA B 53 4.79 -21.48 -10.65
N ILE B 54 4.48 -20.54 -9.74
CA ILE B 54 5.39 -20.16 -8.67
C ILE B 54 4.94 -20.83 -7.38
N GLY B 55 5.90 -21.35 -6.62
CA GLY B 55 5.61 -21.88 -5.30
C GLY B 55 5.18 -23.33 -5.34
N PRO B 56 4.59 -23.83 -4.25
CA PRO B 56 4.24 -23.07 -3.04
C PRO B 56 5.42 -22.59 -2.22
N TRP B 57 5.31 -21.37 -1.73
CA TRP B 57 6.18 -20.85 -0.69
C TRP B 57 5.52 -21.17 0.64
N GLY B 58 6.32 -21.63 1.60
CA GLY B 58 5.77 -22.09 2.86
C GLY B 58 5.44 -23.57 2.83
N GLY B 59 5.14 -24.09 4.02
CA GLY B 59 4.93 -25.52 4.21
C GLY B 59 3.52 -26.01 3.93
N GLY B 60 2.57 -25.08 3.81
CA GLY B 60 1.22 -25.48 3.45
C GLY B 60 0.51 -26.25 4.53
N GLU B 61 -0.39 -27.14 4.08
CA GLU B 61 -1.37 -27.83 4.91
C GLU B 61 -2.38 -26.82 5.45
N GLY B 62 -3.46 -27.29 6.06
CA GLY B 62 -4.57 -26.41 6.37
C GLY B 62 -5.62 -26.37 5.26
N THR B 63 -6.38 -25.28 5.26
CA THR B 63 -7.50 -25.09 4.33
C THR B 63 -7.04 -24.30 3.11
N SER B 64 -7.50 -24.71 1.93
CA SER B 64 -7.11 -24.04 0.70
C SER B 64 -8.12 -22.97 0.31
N THR B 65 -7.59 -21.90 -0.30
CA THR B 65 -8.36 -20.82 -0.91
C THR B 65 -7.81 -20.65 -2.33
N GLU B 66 -8.65 -20.90 -3.32
CA GLU B 66 -8.23 -20.90 -4.72
C GLU B 66 -8.85 -19.72 -5.45
N ILE B 67 -8.01 -18.83 -5.95
CA ILE B 67 -8.44 -17.60 -6.62
C ILE B 67 -8.04 -17.72 -8.08
N LYS B 68 -9.03 -17.65 -8.97
CA LYS B 68 -8.80 -17.73 -10.41
C LYS B 68 -9.16 -16.41 -11.07
N LEU B 69 -8.31 -15.96 -11.99
CA LEU B 69 -8.35 -14.62 -12.53
C LEU B 69 -8.13 -14.67 -14.04
N GLY B 70 -8.25 -13.52 -14.68
CA GLY B 70 -7.97 -13.49 -16.11
C GLY B 70 -7.93 -12.10 -16.72
N SER B 71 -8.26 -12.02 -18.02
CA SER B 71 -8.17 -10.75 -18.72
C SER B 71 -9.15 -9.72 -18.19
N SER B 72 -10.34 -10.14 -17.78
CA SER B 72 -11.27 -9.16 -17.23
C SER B 72 -11.28 -9.11 -15.71
N GLU B 73 -10.99 -10.22 -15.02
CA GLU B 73 -11.08 -10.24 -13.56
C GLU B 73 -9.69 -10.13 -12.98
N HIS B 74 -9.39 -9.04 -12.28
CA HIS B 74 -8.11 -9.08 -11.58
C HIS B 74 -8.22 -8.46 -10.20
N ILE B 75 -7.13 -8.62 -9.46
CA ILE B 75 -7.11 -8.26 -8.04
C ILE B 75 -6.99 -6.74 -7.94
N LYS B 76 -7.99 -6.13 -7.30
CA LYS B 76 -8.01 -4.68 -7.10
C LYS B 76 -7.69 -4.26 -5.68
N GLU B 77 -7.89 -5.14 -4.71
CA GLU B 77 -7.59 -4.82 -3.32
C GLU B 77 -6.97 -6.04 -2.66
N ILE B 78 -5.90 -5.83 -1.91
CA ILE B 78 -5.36 -6.88 -1.05
C ILE B 78 -5.07 -6.24 0.29
N SER B 79 -5.42 -6.96 1.36
CA SER B 79 -5.19 -6.46 2.72
C SER B 79 -4.89 -7.66 3.60
N GLY B 80 -4.46 -7.39 4.82
CA GLY B 80 -4.18 -8.48 5.73
C GLY B 80 -3.73 -7.98 7.08
N THR B 81 -3.29 -8.94 7.91
CA THR B 81 -2.65 -8.66 9.19
C THR B 81 -1.40 -9.50 9.32
N HIS B 82 -0.46 -9.00 10.11
CA HIS B 82 0.70 -9.81 10.47
C HIS B 82 1.02 -9.58 11.93
N GLY B 83 1.56 -10.61 12.56
CA GLY B 83 1.90 -10.52 13.96
C GLY B 83 2.14 -11.89 14.54
N PRO B 84 2.15 -11.98 15.87
CA PRO B 84 2.45 -13.27 16.52
C PRO B 84 1.35 -14.29 16.28
N VAL B 85 1.79 -15.54 16.10
CA VAL B 85 0.87 -16.68 16.01
C VAL B 85 1.68 -17.91 16.36
N TYR B 86 1.02 -18.90 16.93
CA TYR B 86 1.67 -20.15 17.32
C TYR B 86 2.79 -19.76 18.29
N ASP B 87 4.02 -20.20 18.09
CA ASP B 87 5.13 -19.75 18.93
C ASP B 87 6.10 -18.87 18.14
N LEU B 88 5.55 -18.06 17.24
CA LEU B 88 6.34 -17.19 16.38
C LEU B 88 5.93 -15.74 16.62
N ALA B 89 6.84 -14.82 16.29
CA ALA B 89 6.67 -13.42 16.66
C ALA B 89 5.97 -12.57 15.60
N ASP B 90 6.20 -12.83 14.31
CA ASP B 90 5.67 -11.92 13.28
C ASP B 90 5.49 -12.69 11.97
N ILE B 91 4.25 -13.14 11.73
CA ILE B 91 3.90 -13.99 10.59
C ILE B 91 2.69 -13.34 9.92
N VAL B 92 2.53 -13.57 8.62
CA VAL B 92 1.30 -13.14 7.97
C VAL B 92 0.16 -14.02 8.47
N THR B 93 -0.79 -13.42 9.19
CA THR B 93 -1.85 -14.17 9.85
C THR B 93 -3.15 -14.19 9.07
N TYR B 94 -3.36 -13.25 8.16
CA TYR B 94 -4.64 -13.13 7.48
C TYR B 94 -4.45 -12.37 6.19
N LEU B 95 -5.23 -12.76 5.18
CA LEU B 95 -5.23 -12.09 3.88
C LEU B 95 -6.66 -11.99 3.39
N LYS B 96 -6.99 -10.83 2.82
CA LYS B 96 -8.25 -10.61 2.13
C LYS B 96 -7.96 -10.05 0.74
N ILE B 97 -8.51 -10.71 -0.29
CA ILE B 97 -8.31 -10.31 -1.69
C ILE B 97 -9.67 -10.05 -2.32
N VAL B 98 -9.81 -8.88 -2.98
CA VAL B 98 -11.03 -8.49 -3.66
C VAL B 98 -10.72 -8.25 -5.13
N THR B 99 -11.49 -8.87 -6.02
CA THR B 99 -11.28 -8.72 -7.45
C THR B 99 -12.22 -7.67 -8.04
N SER B 100 -11.94 -7.33 -9.32
CA SER B 100 -12.77 -6.38 -10.04
C SER B 100 -14.20 -6.89 -10.23
N ALA B 101 -14.41 -8.19 -10.11
CA ALA B 101 -15.75 -8.77 -10.17
C ALA B 101 -16.46 -8.77 -8.82
N ASN B 102 -15.88 -8.13 -7.80
CA ASN B 102 -16.43 -8.14 -6.45
C ASN B 102 -16.51 -9.56 -5.91
N ASN B 103 -15.54 -10.40 -6.27
CA ASN B 103 -15.33 -11.65 -5.58
C ASN B 103 -14.32 -11.43 -4.47
N THR B 104 -14.68 -11.84 -3.25
CA THR B 104 -13.84 -11.66 -2.07
C THR B 104 -13.36 -13.00 -1.56
N TYR B 105 -12.08 -13.08 -1.23
CA TYR B 105 -11.47 -14.29 -0.72
C TYR B 105 -10.70 -13.97 0.54
N GLU B 106 -10.86 -14.80 1.56
CA GLU B 106 -10.21 -14.59 2.85
C GLU B 106 -9.52 -15.87 3.28
N ALA B 107 -8.38 -15.70 3.96
CA ALA B 107 -7.60 -16.82 4.47
C ALA B 107 -6.96 -16.40 5.79
N GLY B 108 -6.91 -17.31 6.75
CA GLY B 108 -6.33 -17.02 8.04
C GLY B 108 -7.31 -16.39 9.01
N VAL B 109 -6.76 -15.79 10.05
CA VAL B 109 -7.53 -15.20 11.14
C VAL B 109 -6.93 -13.82 11.45
N PRO B 110 -7.68 -12.74 11.30
CA PRO B 110 -7.14 -11.40 11.58
C PRO B 110 -6.54 -11.31 12.98
N ASN B 111 -5.30 -10.83 13.02
CA ASN B 111 -4.48 -10.88 14.23
C ASN B 111 -3.19 -10.10 14.02
N GLY B 112 -3.08 -8.92 14.64
CA GLY B 112 -1.86 -8.13 14.61
C GLY B 112 -2.04 -6.81 13.89
N LYS B 113 -1.00 -6.40 13.16
CA LYS B 113 -0.97 -5.12 12.48
C LYS B 113 -1.65 -5.20 11.13
N GLU B 114 -2.45 -4.19 10.80
CA GLU B 114 -3.16 -4.16 9.54
C GLU B 114 -2.25 -3.65 8.42
N PHE B 115 -2.49 -4.14 7.21
CA PHE B 115 -1.96 -3.52 5.98
C PHE B 115 -3.03 -3.66 4.90
N SER B 116 -2.99 -2.74 3.94
CA SER B 116 -4.03 -2.74 2.90
C SER B 116 -3.59 -1.93 1.69
N ILE B 117 -3.89 -2.45 0.51
CA ILE B 117 -3.54 -1.82 -0.75
C ILE B 117 -4.79 -1.78 -1.63
N PRO B 118 -5.63 -0.77 -1.49
CA PRO B 118 -6.79 -0.64 -2.39
C PRO B 118 -6.42 0.15 -3.63
N LEU B 119 -6.46 -0.49 -4.79
CA LEU B 119 -5.97 0.11 -6.02
C LEU B 119 -7.12 0.76 -6.79
N GLN B 120 -6.87 1.97 -7.28
CA GLN B 120 -7.81 2.68 -8.12
C GLN B 120 -7.33 2.71 -9.57
N ASP B 121 -8.07 3.41 -10.42
CA ASP B 121 -7.76 3.57 -11.86
C ASP B 121 -7.52 2.17 -12.43
N SER B 122 -6.47 1.95 -13.20
CA SER B 122 -6.24 0.66 -13.86
C SER B 122 -5.31 -0.26 -13.08
N GLY B 123 -4.88 0.13 -11.89
CA GLY B 123 -3.91 -0.67 -11.16
C GLY B 123 -4.49 -2.00 -10.71
N HIS B 124 -3.64 -3.03 -10.73
CA HIS B 124 -4.04 -4.35 -10.28
C HIS B 124 -2.80 -5.14 -9.87
N VAL B 125 -3.00 -6.11 -8.98
CA VAL B 125 -1.92 -6.96 -8.51
C VAL B 125 -1.69 -8.06 -9.53
N VAL B 126 -0.42 -8.28 -9.90
CA VAL B 126 -0.05 -9.29 -10.88
C VAL B 126 0.97 -10.30 -10.34
N GLY B 127 1.46 -10.14 -9.12
CA GLY B 127 2.45 -11.09 -8.62
C GLY B 127 2.78 -10.78 -7.19
N PHE B 128 3.66 -11.63 -6.62
CA PHE B 128 4.01 -11.57 -5.20
C PHE B 128 5.50 -11.82 -5.00
N PHE B 129 5.99 -11.39 -3.83
CA PHE B 129 7.28 -11.79 -3.27
C PHE B 129 7.08 -11.92 -1.77
N GLY B 130 8.11 -12.33 -1.04
CA GLY B 130 7.93 -12.37 0.41
C GLY B 130 9.02 -13.16 1.10
N ARG B 131 8.65 -13.74 2.25
CA ARG B 131 9.53 -14.61 3.00
C ARG B 131 8.74 -15.82 3.47
N SER B 132 9.37 -16.98 3.47
CA SER B 132 8.66 -18.17 3.93
C SER B 132 9.62 -19.16 4.59
N GLY B 133 9.06 -19.94 5.51
CA GLY B 133 9.70 -21.12 6.06
C GLY B 133 8.66 -22.22 6.15
N THR B 134 8.20 -22.53 7.36
CA THR B 134 7.02 -23.38 7.48
C THR B 134 5.76 -22.61 7.14
N LEU B 135 5.77 -21.30 7.33
CA LEU B 135 4.62 -20.43 7.12
C LEU B 135 5.05 -19.28 6.21
N ILE B 136 4.12 -18.37 5.93
CA ILE B 136 4.43 -17.16 5.18
C ILE B 136 4.81 -16.09 6.20
N ASP B 137 6.13 -15.90 6.39
CA ASP B 137 6.62 -14.90 7.32
C ASP B 137 6.26 -13.49 6.88
N ALA B 138 6.29 -13.23 5.58
CA ALA B 138 6.02 -11.89 5.09
C ALA B 138 5.58 -11.98 3.64
N ILE B 139 4.84 -10.98 3.18
CA ILE B 139 4.28 -11.00 1.84
C ILE B 139 4.38 -9.61 1.22
N GLY B 140 4.68 -9.57 -0.09
CA GLY B 140 4.67 -8.33 -0.84
C GLY B 140 4.03 -8.55 -2.19
N ILE B 141 3.82 -7.46 -2.92
CA ILE B 141 3.05 -7.50 -4.16
C ILE B 141 3.76 -6.76 -5.28
N TYR B 142 3.49 -7.20 -6.50
CA TYR B 142 3.81 -6.47 -7.72
C TYR B 142 2.53 -5.91 -8.29
N VAL B 143 2.54 -4.64 -8.67
CA VAL B 143 1.35 -3.94 -9.13
C VAL B 143 1.57 -3.47 -10.55
N HIS B 144 0.63 -3.84 -11.42
CA HIS B 144 0.62 -3.35 -12.80
C HIS B 144 -0.19 -2.06 -12.84
N PRO B 145 0.37 -0.96 -13.35
CA PRO B 145 -0.40 0.27 -13.40
C PRO B 145 -1.64 0.16 -14.29
#